data_2XGU
#
_entry.id   2XGU
#
_cell.length_a   87.000
_cell.length_b   38.680
_cell.length_c   84.717
_cell.angle_alpha   90.00
_cell.angle_beta   114.87
_cell.angle_gamma   90.00
#
_symmetry.space_group_name_H-M   'C 1 2 1'
#
loop_
_entity.id
_entity.type
_entity.pdbx_description
1 polymer 'RELIK CAPSID N-TERMINAL DOMAIN'
2 non-polymer 'ACETATE ION'
3 water water
#
_entity_poly.entity_id   1
_entity_poly.type   'polypeptide(L)'
_entity_poly.pdbx_seq_one_letter_code
;PIMLRGGRQEYEPVGPGLIAAWLKQVQEHGLTHPATITYFGVISINFTSVDINMLLNVTPGFAAEKQLVIDKIKEKAIAW
DEMHPPPPADAAGPVPLTSDQIRGIGLSPEEAAGPRFADARTLYRTWVLEALQECQRTISPLEHHHHHH
;
_entity_poly.pdbx_strand_id   A,B
#
# COMPACT_ATOMS: atom_id res chain seq x y z
N PRO A 1 7.04 0.44 -20.48
CA PRO A 1 8.02 0.86 -19.47
C PRO A 1 9.06 1.82 -20.04
N ILE A 2 9.68 2.59 -19.14
CA ILE A 2 10.80 3.46 -19.47
C ILE A 2 12.08 2.73 -19.12
N MET A 3 13.04 2.75 -20.03
CA MET A 3 14.29 2.05 -19.79
CA MET A 3 14.29 2.04 -19.83
C MET A 3 15.44 2.87 -20.34
N LEU A 4 16.63 2.64 -19.78
CA LEU A 4 17.84 3.24 -20.32
C LEU A 4 18.38 2.38 -21.44
N ARG A 5 18.60 3.00 -22.60
CA ARG A 5 19.16 2.31 -23.75
C ARG A 5 20.16 3.23 -24.43
N GLY A 6 21.41 2.79 -24.51
CA GLY A 6 22.47 3.62 -25.04
C GLY A 6 22.63 4.88 -24.22
N GLY A 7 22.33 4.77 -22.93
CA GLY A 7 22.49 5.87 -22.00
C GLY A 7 21.30 6.80 -21.86
N ARG A 8 20.29 6.66 -22.73
CA ARG A 8 19.15 7.58 -22.75
C ARG A 8 17.85 6.90 -22.34
N GLN A 9 16.92 7.66 -21.78
CA GLN A 9 15.58 7.13 -21.49
C GLN A 9 14.81 6.89 -22.78
N GLU A 10 14.27 5.68 -22.92
CA GLU A 10 13.42 5.34 -24.04
C GLU A 10 12.14 4.68 -23.52
N TYR A 11 11.05 4.82 -24.27
CA TYR A 11 9.82 4.16 -23.89
C TYR A 11 9.52 3.02 -24.86
N GLU A 12 9.06 1.90 -24.32
CA GLU A 12 8.46 0.84 -25.12
C GLU A 12 7.21 0.29 -24.43
N PRO A 13 6.20 -0.09 -25.21
CA PRO A 13 5.03 -0.66 -24.54
C PRO A 13 5.34 -2.01 -23.90
N VAL A 14 4.45 -2.48 -23.03
CA VAL A 14 4.65 -3.79 -22.43
C VAL A 14 4.65 -4.83 -23.55
N GLY A 15 5.62 -5.74 -23.51
CA GLY A 15 5.75 -6.76 -24.53
C GLY A 15 4.80 -7.92 -24.36
N PRO A 16 4.56 -8.67 -25.44
CA PRO A 16 3.62 -9.80 -25.39
C PRO A 16 4.06 -10.90 -24.43
N GLY A 17 5.37 -11.08 -24.26
CA GLY A 17 5.90 -12.07 -23.34
C GLY A 17 5.58 -11.75 -21.90
N LEU A 18 5.72 -10.48 -21.53
CA LEU A 18 5.37 -10.08 -20.17
C LEU A 18 3.87 -10.14 -19.93
N ILE A 19 3.07 -9.73 -20.91
CA ILE A 19 1.62 -9.83 -20.76
C ILE A 19 1.25 -11.29 -20.51
N ALA A 20 1.79 -12.19 -21.33
CA ALA A 20 1.49 -13.61 -21.19
C ALA A 20 1.94 -14.15 -19.83
N ALA A 21 3.12 -13.72 -19.38
CA ALA A 21 3.66 -14.19 -18.11
C ALA A 21 2.85 -13.69 -16.90
N TRP A 22 2.45 -12.43 -16.93
CA TRP A 22 1.59 -11.85 -15.90
C TRP A 22 0.26 -12.59 -15.86
N LEU A 23 -0.33 -12.84 -17.02
CA LEU A 23 -1.61 -13.56 -17.05
C LEU A 23 -1.51 -14.97 -16.47
N LYS A 24 -0.42 -15.68 -16.78
CA LYS A 24 -0.22 -17.02 -16.20
C LYS A 24 -0.09 -16.95 -14.68
N GLN A 25 0.62 -15.93 -14.19
CA GLN A 25 0.80 -15.74 -12.76
C GLN A 25 -0.56 -15.58 -12.09
N VAL A 26 -1.40 -14.71 -12.64
CA VAL A 26 -2.73 -14.48 -12.09
C VAL A 26 -3.58 -15.75 -12.17
N GLN A 27 -3.59 -16.41 -13.33
CA GLN A 27 -4.43 -17.58 -13.48
C GLN A 27 -4.03 -18.68 -12.50
N GLU A 28 -2.71 -18.84 -12.31
CA GLU A 28 -2.18 -19.94 -11.52
C GLU A 28 -2.34 -19.71 -10.03
N HIS A 29 -2.25 -18.47 -9.59
CA HIS A 29 -2.17 -18.17 -8.16
C HIS A 29 -3.26 -17.24 -7.64
N GLY A 30 -3.85 -16.43 -8.52
CA GLY A 30 -4.85 -15.46 -8.12
C GLY A 30 -4.33 -14.03 -8.09
N LEU A 31 -5.21 -13.07 -8.38
CA LEU A 31 -4.83 -11.68 -8.51
C LEU A 31 -4.30 -11.07 -7.21
N THR A 32 -4.91 -11.42 -6.09
CA THR A 32 -4.55 -10.81 -4.81
C THR A 32 -3.83 -11.79 -3.87
N HIS A 33 -3.38 -12.90 -4.44
CA HIS A 33 -2.51 -13.80 -3.70
C HIS A 33 -1.22 -13.04 -3.42
N PRO A 34 -0.63 -13.24 -2.22
CA PRO A 34 0.58 -12.48 -1.87
C PRO A 34 1.70 -12.59 -2.92
N ALA A 35 1.96 -13.79 -3.45
CA ALA A 35 3.01 -13.92 -4.44
C ALA A 35 2.73 -13.11 -5.71
N THR A 36 1.45 -13.00 -6.08
CA THR A 36 1.07 -12.23 -7.26
C THR A 36 1.28 -10.73 -7.06
N ILE A 37 0.99 -10.25 -5.85
CA ILE A 37 1.22 -8.85 -5.51
C ILE A 37 2.71 -8.50 -5.53
N THR A 38 3.55 -9.36 -4.96
CA THR A 38 4.99 -9.17 -5.08
C THR A 38 5.44 -9.16 -6.55
N TYR A 39 4.91 -10.10 -7.33
CA TYR A 39 5.22 -10.18 -8.76
C TYR A 39 4.86 -8.88 -9.47
N PHE A 40 3.67 -8.35 -9.22
CA PHE A 40 3.31 -7.08 -9.83
C PHE A 40 4.29 -5.98 -9.41
N GLY A 41 4.68 -5.95 -8.13
CA GLY A 41 5.63 -4.96 -7.66
C GLY A 41 6.95 -5.02 -8.44
N VAL A 42 7.46 -6.22 -8.67
CA VAL A 42 8.71 -6.41 -9.38
C VAL A 42 8.62 -5.95 -10.84
N ILE A 43 7.58 -6.37 -11.55
CA ILE A 43 7.52 -6.09 -12.98
C ILE A 43 7.17 -4.64 -13.32
N SER A 44 6.52 -3.94 -12.40
CA SER A 44 5.92 -2.65 -12.74
C SER A 44 6.83 -1.47 -12.46
N ILE A 45 8.04 -1.71 -11.95
N ILE A 45 8.05 -1.77 -12.02
CA ILE A 45 8.83 -0.62 -11.39
CA ILE A 45 9.07 -0.75 -11.89
C ILE A 45 9.02 0.60 -12.30
C ILE A 45 9.24 -0.05 -13.23
N ASN A 46 9.27 0.38 -13.59
N ASN A 46 9.14 1.28 -13.19
CA ASN A 46 9.45 1.51 -14.49
CA ASN A 46 9.32 2.12 -14.36
C ASN A 46 8.30 1.66 -15.49
C ASN A 46 8.18 2.07 -15.38
N PHE A 47 7.09 1.40 -15.02
CA PHE A 47 5.88 1.44 -15.87
C PHE A 47 5.27 2.82 -15.87
N THR A 48 4.69 3.24 -17.00
CA THR A 48 3.83 4.42 -16.98
C THR A 48 2.43 4.04 -16.48
N SER A 49 1.59 5.03 -16.24
CA SER A 49 0.23 4.75 -15.82
CA SER A 49 0.21 4.78 -15.83
C SER A 49 -0.53 4.00 -16.91
N VAL A 50 -0.24 4.31 -18.16
CA VAL A 50 -0.86 3.59 -19.28
C VAL A 50 -0.44 2.11 -19.30
N ASP A 51 0.83 1.83 -19.07
CA ASP A 51 1.33 0.47 -18.94
C ASP A 51 0.60 -0.29 -17.81
N ILE A 52 0.44 0.36 -16.66
CA ILE A 52 -0.19 -0.27 -15.51
C ILE A 52 -1.65 -0.62 -15.84
N ASN A 53 -2.36 0.32 -16.46
CA ASN A 53 -3.75 0.08 -16.79
C ASN A 53 -3.88 -1.01 -17.83
N MET A 54 -2.89 -1.10 -18.72
CA MET A 54 -2.88 -2.13 -19.74
C MET A 54 -2.90 -3.50 -19.06
N LEU A 55 -2.01 -3.71 -18.11
CA LEU A 55 -1.92 -5.01 -17.47
C LEU A 55 -3.14 -5.31 -16.62
N LEU A 56 -3.67 -4.30 -15.94
CA LEU A 56 -4.89 -4.48 -15.16
C LEU A 56 -6.05 -4.86 -16.08
N ASN A 57 -6.17 -4.15 -17.19
CA ASN A 57 -7.32 -4.29 -18.07
C ASN A 57 -7.35 -5.61 -18.85
N VAL A 58 -6.18 -6.20 -19.10
CA VAL A 58 -6.15 -7.46 -19.84
C VAL A 58 -6.32 -8.67 -18.94
N THR A 59 -6.36 -8.44 -17.63
CA THR A 59 -6.55 -9.55 -16.70
C THR A 59 -7.99 -10.01 -16.68
N PRO A 60 -8.26 -11.27 -17.08
CA PRO A 60 -9.62 -11.81 -17.09
C PRO A 60 -9.98 -12.42 -15.75
N GLY A 61 -11.28 -12.58 -15.49
CA GLY A 61 -11.76 -13.21 -14.28
C GLY A 61 -11.49 -12.38 -13.04
N PHE A 62 -11.54 -13.04 -11.88
CA PHE A 62 -11.29 -12.37 -10.60
C PHE A 62 -12.04 -11.04 -10.51
N ALA A 63 -13.26 -11.02 -11.03
CA ALA A 63 -14.08 -9.81 -11.07
C ALA A 63 -14.30 -9.21 -9.69
N ALA A 64 -14.59 -10.05 -8.71
CA ALA A 64 -14.84 -9.59 -7.35
C ALA A 64 -13.58 -8.97 -6.76
N GLU A 65 -12.47 -9.70 -6.85
CA GLU A 65 -11.20 -9.23 -6.32
C GLU A 65 -10.76 -7.99 -7.06
N LYS A 66 -10.83 -8.03 -8.39
CA LYS A 66 -10.40 -6.89 -9.17
C LYS A 66 -11.23 -5.67 -8.82
N GLN A 67 -12.55 -5.86 -8.69
CA GLN A 67 -13.42 -4.75 -8.32
C GLN A 67 -13.06 -4.15 -6.98
N LEU A 68 -12.66 -4.98 -6.01
CA LEU A 68 -12.28 -4.46 -4.71
C LEU A 68 -11.00 -3.63 -4.83
N VAL A 69 -10.06 -4.10 -5.66
CA VAL A 69 -8.82 -3.37 -5.89
C VAL A 69 -9.09 -2.03 -6.57
N ILE A 70 -9.92 -2.04 -7.61
CA ILE A 70 -10.24 -0.80 -8.32
C ILE A 70 -10.99 0.17 -7.41
N ASP A 71 -11.84 -0.37 -6.56
CA ASP A 71 -12.55 0.45 -5.59
C ASP A 71 -11.59 1.20 -4.65
N LYS A 72 -10.51 0.53 -4.25
CA LYS A 72 -9.54 1.17 -3.36
C LYS A 72 -8.74 2.23 -4.09
N ILE A 73 -8.39 1.98 -5.35
CA ILE A 73 -7.74 3.01 -6.18
C ILE A 73 -8.61 4.25 -6.32
N LYS A 74 -9.91 4.04 -6.55
CA LYS A 74 -10.85 5.16 -6.69
C LYS A 74 -10.93 5.95 -5.40
N GLU A 75 -10.89 5.25 -4.27
CA GLU A 75 -10.95 5.91 -2.97
C GLU A 75 -9.74 6.81 -2.77
N LYS A 76 -8.56 6.32 -3.18
CA LYS A 76 -7.33 7.12 -3.11
C LYS A 76 -7.42 8.35 -4.01
N ALA A 77 -8.00 8.17 -5.19
CA ALA A 77 -8.12 9.25 -6.15
C ALA A 77 -9.07 10.32 -5.61
N ILE A 78 -10.19 9.88 -5.03
CA ILE A 78 -11.14 10.81 -4.41
C ILE A 78 -10.48 11.61 -3.28
N ALA A 79 -9.73 10.91 -2.42
CA ALA A 79 -9.01 11.59 -1.35
C ALA A 79 -7.98 12.58 -1.90
N TRP A 80 -7.27 12.17 -2.93
CA TRP A 80 -6.24 13.02 -3.54
C TRP A 80 -6.87 14.33 -4.04
N ASP A 81 -7.97 14.23 -4.78
CA ASP A 81 -8.55 15.40 -5.40
C ASP A 81 -9.13 16.38 -4.35
N GLU A 82 -9.62 15.85 -3.24
CA GLU A 82 -10.10 16.71 -2.18
C GLU A 82 -8.97 17.53 -1.56
N MET A 83 -7.78 16.92 -1.44
CA MET A 83 -6.64 17.60 -0.85
C MET A 83 -5.86 18.47 -1.84
N HIS A 84 -6.07 18.25 -3.13
CA HIS A 84 -5.29 18.93 -4.16
C HIS A 84 -6.15 19.45 -5.30
N PRO A 85 -6.73 20.65 -5.14
CA PRO A 85 -7.48 21.25 -6.25
C PRO A 85 -6.54 21.58 -7.40
N PRO A 86 -7.05 21.59 -8.64
CA PRO A 86 -6.25 21.85 -9.84
C PRO A 86 -5.98 23.34 -10.03
N PRO A 87 -4.74 23.69 -10.42
CA PRO A 87 -4.31 25.07 -10.66
C PRO A 87 -4.84 25.63 -11.97
N PRO A 88 -4.77 26.97 -12.14
CA PRO A 88 -5.13 27.60 -13.42
C PRO A 88 -4.22 27.09 -14.54
N ALA A 89 -4.70 27.17 -15.77
CA ALA A 89 -4.00 26.60 -16.92
C ALA A 89 -2.52 26.98 -17.03
N ASP A 90 -2.24 28.28 -16.99
CA ASP A 90 -0.89 28.75 -17.26
C ASP A 90 -0.10 29.12 -16.00
N ALA A 91 -0.27 28.32 -14.95
CA ALA A 91 0.46 28.56 -13.69
C ALA A 91 1.89 28.04 -13.78
N ALA A 92 2.79 28.65 -13.02
CA ALA A 92 4.21 28.28 -13.05
C ALA A 92 4.45 26.84 -12.62
N GLY A 93 5.33 26.14 -13.33
CA GLY A 93 5.63 24.75 -13.05
C GLY A 93 6.59 24.55 -11.87
N PRO A 94 6.79 23.29 -11.46
CA PRO A 94 6.13 22.10 -12.01
C PRO A 94 4.68 22.03 -11.58
N VAL A 95 3.77 21.95 -12.54
CA VAL A 95 2.34 21.88 -12.23
C VAL A 95 1.98 20.50 -11.70
N PRO A 96 1.43 20.46 -10.48
CA PRO A 96 0.92 19.24 -9.82
C PRO A 96 -0.30 18.71 -10.58
N LEU A 97 -0.63 17.45 -10.37
CA LEU A 97 -1.59 16.81 -11.25
C LEU A 97 -2.88 16.38 -10.57
N THR A 98 -3.93 16.23 -11.37
CA THR A 98 -5.20 15.69 -10.88
C THR A 98 -5.09 14.17 -10.75
N SER A 99 -6.02 13.56 -10.03
CA SER A 99 -5.99 12.11 -9.96
C SER A 99 -6.19 11.46 -11.32
N ASP A 100 -6.99 12.08 -12.18
CA ASP A 100 -7.21 11.50 -13.52
C ASP A 100 -5.88 11.43 -14.26
N GLN A 101 -5.10 12.51 -14.17
CA GLN A 101 -3.79 12.55 -14.81
C GLN A 101 -2.83 11.53 -14.19
N ILE A 102 -2.84 11.43 -12.87
CA ILE A 102 -1.99 10.46 -12.20
C ILE A 102 -2.33 9.03 -12.64
N ARG A 103 -3.62 8.74 -12.83
CA ARG A 103 -4.10 7.42 -13.27
C ARG A 103 -3.95 7.18 -14.78
N GLY A 104 -3.45 8.17 -15.51
CA GLY A 104 -3.23 8.06 -16.95
C GLY A 104 -4.48 8.15 -17.82
N ILE A 105 -5.55 8.71 -17.27
CA ILE A 105 -6.81 8.80 -18.00
C ILE A 105 -6.74 9.85 -19.11
N GLY A 106 -7.00 9.41 -20.33
CA GLY A 106 -6.95 10.30 -21.48
C GLY A 106 -5.55 10.61 -21.98
N LEU A 107 -4.56 9.84 -21.51
CA LEU A 107 -3.19 10.05 -21.97
C LEU A 107 -2.83 9.07 -23.07
N SER A 108 -2.10 9.54 -24.07
CA SER A 108 -1.52 8.65 -25.05
C SER A 108 -0.34 7.95 -24.37
N PRO A 109 0.09 6.80 -24.91
CA PRO A 109 1.26 6.14 -24.30
C PRO A 109 2.48 7.05 -24.30
N GLU A 110 2.69 7.79 -25.39
CA GLU A 110 3.80 8.73 -25.49
C GLU A 110 3.68 9.81 -24.42
N GLU A 111 2.49 10.40 -24.31
CA GLU A 111 2.27 11.44 -23.30
C GLU A 111 2.58 10.94 -21.90
N ALA A 112 2.08 9.76 -21.58
CA ALA A 112 2.25 9.18 -20.24
C ALA A 112 3.71 8.86 -19.92
N ALA A 113 4.55 8.77 -20.94
CA ALA A 113 5.95 8.44 -20.76
C ALA A 113 6.82 9.70 -20.63
N GLY A 114 6.21 10.87 -20.73
CA GLY A 114 6.93 12.13 -20.69
C GLY A 114 7.33 12.58 -19.29
N PRO A 115 8.32 13.49 -19.22
CA PRO A 115 8.82 14.00 -17.94
C PRO A 115 7.75 14.60 -17.05
N ARG A 116 6.71 15.20 -17.65
CA ARG A 116 5.63 15.81 -16.88
C ARG A 116 4.96 14.79 -15.95
N PHE A 117 5.05 13.52 -16.33
CA PHE A 117 4.37 12.45 -15.60
C PHE A 117 5.32 11.48 -14.89
N ALA A 118 6.59 11.83 -14.78
CA ALA A 118 7.58 10.93 -14.17
C ALA A 118 7.28 10.62 -12.70
N ASP A 119 7.09 11.66 -11.90
CA ASP A 119 6.66 11.45 -10.53
C ASP A 119 5.25 10.83 -10.49
N ALA A 120 4.37 11.25 -11.39
CA ALA A 120 2.99 10.79 -11.38
C ALA A 120 2.86 9.28 -11.57
N ARG A 121 3.62 8.71 -12.51
CA ARG A 121 3.54 7.27 -12.74
C ARG A 121 4.06 6.52 -11.54
N THR A 122 5.05 7.09 -10.84
CA THR A 122 5.58 6.48 -9.62
CA THR A 122 5.54 6.42 -9.64
C THR A 122 4.50 6.46 -8.53
N LEU A 123 3.77 7.57 -8.44
CA LEU A 123 2.69 7.70 -7.46
C LEU A 123 1.54 6.75 -7.78
N TYR A 124 1.21 6.61 -9.06
CA TYR A 124 0.11 5.72 -9.44
C TYR A 124 0.47 4.26 -9.12
N ARG A 125 1.70 3.87 -9.43
CA ARG A 125 2.16 2.54 -9.08
C ARG A 125 2.03 2.29 -7.58
N THR A 126 2.39 3.29 -6.78
CA THR A 126 2.21 3.23 -5.35
C THR A 126 0.75 3.01 -4.96
N TRP A 127 -0.17 3.78 -5.56
CA TRP A 127 -1.61 3.59 -5.30
C TRP A 127 -2.08 2.17 -5.63
N VAL A 128 -1.67 1.66 -6.78
CA VAL A 128 -2.11 0.33 -7.22
C VAL A 128 -1.56 -0.76 -6.29
N LEU A 129 -0.29 -0.67 -5.95
CA LEU A 129 0.30 -1.65 -5.04
CA LEU A 129 0.33 -1.61 -5.01
C LEU A 129 -0.32 -1.55 -3.64
N GLU A 130 -0.59 -0.33 -3.17
CA GLU A 130 -1.29 -0.19 -1.89
C GLU A 130 -2.66 -0.85 -1.95
N ALA A 131 -3.38 -0.65 -3.04
CA ALA A 131 -4.71 -1.23 -3.18
C ALA A 131 -4.67 -2.75 -3.19
N LEU A 132 -3.74 -3.31 -3.96
CA LEU A 132 -3.55 -4.76 -3.96
C LEU A 132 -3.21 -5.29 -2.56
N GLN A 133 -2.27 -4.65 -1.90
CA GLN A 133 -1.83 -5.06 -0.58
C GLN A 133 -2.98 -5.07 0.41
N GLU A 134 -3.86 -4.08 0.32
CA GLU A 134 -5.00 -3.95 1.22
C GLU A 134 -6.11 -4.97 0.93
N CYS A 135 -6.01 -5.66 -0.20
CA CYS A 135 -6.96 -6.71 -0.57
C CYS A 135 -6.31 -8.08 -0.53
N GLN A 136 -5.15 -8.17 0.11
CA GLN A 136 -4.36 -9.41 0.13
C GLN A 136 -5.19 -10.62 0.58
N ARG A 137 -5.12 -11.71 -0.17
CA ARG A 137 -5.84 -12.92 0.21
C ARG A 137 -5.00 -13.76 1.14
N THR A 138 -5.60 -14.27 2.21
CA THR A 138 -4.88 -15.16 3.11
C THR A 138 -4.74 -16.50 2.40
N ILE A 139 -3.51 -17.02 2.38
CA ILE A 139 -3.25 -18.27 1.67
C ILE A 139 -4.09 -19.39 2.25
N SER A 140 -4.60 -20.24 1.37
CA SER A 140 -5.48 -21.32 1.78
C SER A 140 -5.00 -22.62 1.18
N PRO A 141 -5.51 -23.74 1.71
CA PRO A 141 -5.08 -25.06 1.23
C PRO A 141 -5.39 -25.26 -0.25
N LEU A 142 -4.40 -25.74 -1.00
CA LEU A 142 -4.57 -25.97 -2.43
C LEU A 142 -5.21 -27.34 -2.69
N GLU A 143 -5.66 -27.55 -3.92
CA GLU A 143 -6.28 -28.81 -4.30
C GLU A 143 -5.27 -29.96 -4.31
N PRO B 1 -0.99 -10.48 18.48
CA PRO B 1 -2.02 -10.88 17.53
C PRO B 1 -3.30 -11.34 18.22
N ILE B 2 -4.42 -11.12 17.54
CA ILE B 2 -5.72 -11.63 17.98
C ILE B 2 -6.07 -12.83 17.12
N MET B 3 -6.47 -13.92 17.77
CA MET B 3 -6.84 -15.11 17.03
CA MET B 3 -6.78 -15.17 17.08
C MET B 3 -8.04 -15.79 17.66
N LEU B 4 -8.74 -16.60 16.86
CA LEU B 4 -9.84 -17.40 17.39
C LEU B 4 -9.29 -18.70 17.93
N ARG B 5 -9.63 -19.02 19.18
CA ARG B 5 -9.23 -20.28 19.80
C ARG B 5 -10.42 -20.81 20.59
N GLY B 6 -10.84 -22.02 20.27
CA GLY B 6 -12.07 -22.55 20.86
C GLY B 6 -13.28 -21.70 20.52
N GLY B 7 -13.23 -21.03 19.37
CA GLY B 7 -14.36 -20.25 18.91
C GLY B 7 -14.40 -18.81 19.40
N ARG B 8 -13.54 -18.45 20.34
CA ARG B 8 -13.55 -17.08 20.85
C ARG B 8 -12.25 -16.33 20.56
N GLN B 9 -12.32 -15.00 20.61
CA GLN B 9 -11.13 -14.18 20.40
C GLN B 9 -10.18 -14.26 21.59
N GLU B 10 -8.90 -14.47 21.31
CA GLU B 10 -7.85 -14.42 22.33
C GLU B 10 -6.70 -13.55 21.83
N TYR B 11 -5.96 -12.95 22.76
CA TYR B 11 -4.79 -12.17 22.42
C TYR B 11 -3.52 -12.83 22.93
N GLU B 12 -2.47 -12.80 22.13
CA GLU B 12 -1.13 -13.14 22.60
C GLU B 12 -0.12 -12.15 22.01
N PRO B 13 0.94 -11.86 22.76
CA PRO B 13 1.97 -10.97 22.21
C PRO B 13 2.68 -11.61 21.02
N VAL B 14 3.35 -10.78 20.23
CA VAL B 14 4.23 -11.29 19.18
C VAL B 14 5.34 -12.10 19.86
N GLY B 15 5.68 -13.24 19.25
CA GLY B 15 6.69 -14.13 19.81
C GLY B 15 8.07 -13.98 19.19
N PRO B 16 9.08 -14.57 19.84
CA PRO B 16 10.47 -14.47 19.38
C PRO B 16 10.66 -15.14 18.02
N GLY B 17 9.91 -16.20 17.75
CA GLY B 17 9.99 -16.88 16.47
C GLY B 17 9.60 -15.97 15.32
N LEU B 18 8.49 -15.26 15.48
CA LEU B 18 8.07 -14.32 14.44
C LEU B 18 9.04 -13.15 14.34
N ILE B 19 9.47 -12.62 15.47
CA ILE B 19 10.46 -11.54 15.47
C ILE B 19 11.72 -11.96 14.73
N ALA B 20 12.25 -13.14 15.06
CA ALA B 20 13.44 -13.66 14.38
C ALA B 20 13.21 -13.80 12.87
N ALA B 21 12.05 -14.30 12.48
CA ALA B 21 11.74 -14.50 11.06
C ALA B 21 11.63 -13.17 10.32
N TRP B 22 10.92 -12.20 10.91
CA TRP B 22 10.80 -10.87 10.35
C TRP B 22 12.17 -10.22 10.19
N LEU B 23 13.00 -10.29 11.23
CA LEU B 23 14.34 -9.69 11.14
C LEU B 23 15.16 -10.31 10.02
N LYS B 24 15.09 -11.62 9.87
CA LYS B 24 15.79 -12.29 8.77
C LYS B 24 15.30 -11.80 7.41
N GLN B 25 13.99 -11.65 7.25
CA GLN B 25 13.45 -11.14 6.00
C GLN B 25 14.03 -9.76 5.68
N VAL B 26 14.02 -8.86 6.66
CA VAL B 26 14.49 -7.50 6.44
C VAL B 26 16.00 -7.47 6.17
N GLN B 27 16.76 -8.26 6.92
CA GLN B 27 18.21 -8.30 6.74
C GLN B 27 18.58 -8.89 5.38
N GLU B 28 17.93 -9.99 5.02
CA GLU B 28 18.28 -10.70 3.80
C GLU B 28 17.76 -10.01 2.53
N HIS B 29 16.64 -9.29 2.63
CA HIS B 29 15.96 -8.82 1.42
C HIS B 29 15.68 -7.29 1.37
N GLY B 30 15.70 -6.62 2.52
CA GLY B 30 15.46 -5.18 2.59
C GLY B 30 14.08 -4.75 3.12
N LEU B 31 14.04 -3.67 3.89
CA LEU B 31 12.79 -3.22 4.52
C LEU B 31 11.65 -2.89 3.54
N THR B 32 11.97 -2.26 2.41
CA THR B 32 10.91 -1.83 1.47
C THR B 32 10.89 -2.59 0.15
N HIS B 33 11.63 -3.70 0.08
CA HIS B 33 11.59 -4.56 -1.09
C HIS B 33 10.17 -5.10 -1.27
N PRO B 34 9.72 -5.29 -2.51
CA PRO B 34 8.36 -5.77 -2.71
C PRO B 34 8.02 -7.03 -1.90
N ALA B 35 8.94 -8.00 -1.83
CA ALA B 35 8.63 -9.18 -1.07
C ALA B 35 8.54 -8.94 0.44
N THR B 36 9.30 -7.96 0.95
CA THR B 36 9.23 -7.64 2.38
C THR B 36 7.93 -6.95 2.75
N ILE B 37 7.45 -6.07 1.88
CA ILE B 37 6.17 -5.42 2.12
C ILE B 37 5.07 -6.47 2.14
N THR B 38 5.10 -7.40 1.19
CA THR B 38 4.14 -8.48 1.18
C THR B 38 4.23 -9.32 2.45
N TYR B 39 5.46 -9.61 2.86
CA TYR B 39 5.70 -10.40 4.06
C TYR B 39 5.11 -9.71 5.28
N PHE B 40 5.35 -8.41 5.40
CA PHE B 40 4.71 -7.67 6.49
C PHE B 40 3.19 -7.77 6.41
N GLY B 41 2.64 -7.65 5.20
CA GLY B 41 1.21 -7.76 5.04
C GLY B 41 0.68 -9.08 5.55
N VAL B 42 1.38 -10.18 5.24
CA VAL B 42 0.94 -11.50 5.68
C VAL B 42 0.98 -11.63 7.19
N ILE B 43 2.10 -11.25 7.79
CA ILE B 43 2.26 -11.53 9.22
C ILE B 43 1.47 -10.58 10.14
N SER B 44 1.08 -9.43 9.62
CA SER B 44 0.45 -8.42 10.46
C SER B 44 -1.09 -8.49 10.51
N ILE B 45 -1.68 -9.44 9.80
CA ILE B 45 -3.14 -9.57 9.85
C ILE B 45 -3.53 -9.83 11.31
N ASN B 46 -4.48 -9.06 11.79
CA ASN B 46 -4.96 -9.22 13.16
C ASN B 46 -3.92 -8.84 14.23
N PHE B 47 -2.89 -8.08 13.84
CA PHE B 47 -2.02 -7.44 14.84
C PHE B 47 -2.71 -6.22 15.43
N THR B 48 -2.50 -5.98 16.73
CA THR B 48 -2.89 -4.70 17.30
C THR B 48 -1.82 -3.65 16.96
N SER B 49 -2.13 -2.39 17.27
CA SER B 49 -1.16 -1.33 17.04
C SER B 49 0.09 -1.50 17.88
N VAL B 50 -0.07 -2.03 19.09
CA VAL B 50 1.07 -2.35 19.93
C VAL B 50 1.94 -3.46 19.31
N ASP B 51 1.30 -4.48 18.74
CA ASP B 51 2.04 -5.53 18.06
C ASP B 51 2.83 -4.95 16.88
N ILE B 52 2.18 -4.10 16.09
CA ILE B 52 2.85 -3.50 14.94
C ILE B 52 4.07 -2.69 15.39
N ASN B 53 3.93 -1.95 16.48
CA ASN B 53 5.03 -1.14 16.98
C ASN B 53 6.17 -1.99 17.53
N MET B 54 5.83 -3.16 18.06
CA MET B 54 6.84 -4.10 18.54
C MET B 54 7.73 -4.49 17.37
N LEU B 55 7.11 -4.84 16.24
CA LEU B 55 7.86 -5.25 15.06
C LEU B 55 8.70 -4.11 14.48
N LEU B 56 8.14 -2.91 14.44
CA LEU B 56 8.89 -1.76 13.97
C LEU B 56 10.06 -1.49 14.89
N ASN B 57 9.80 -1.51 16.19
CA ASN B 57 10.82 -1.14 17.16
C ASN B 57 11.99 -2.12 17.22
N VAL B 58 11.74 -3.38 16.90
CA VAL B 58 12.79 -4.38 16.96
C VAL B 58 13.62 -4.37 15.69
N THR B 59 13.14 -3.63 14.68
CA THR B 59 13.84 -3.53 13.41
C THR B 59 14.92 -2.44 13.48
N PRO B 60 16.18 -2.81 13.25
CA PRO B 60 17.30 -1.85 13.33
C PRO B 60 17.07 -0.58 12.51
N ALA B 64 18.09 6.28 7.89
CA ALA B 64 17.94 5.93 6.49
C ALA B 64 16.51 5.48 6.18
N GLU B 65 16.36 4.27 5.65
CA GLU B 65 15.07 3.78 5.18
C GLU B 65 14.01 3.61 6.27
N LYS B 66 14.41 3.09 7.42
CA LYS B 66 13.45 2.94 8.52
C LYS B 66 12.96 4.31 8.98
N GLN B 67 13.86 5.29 9.04
CA GLN B 67 13.47 6.63 9.46
C GLN B 67 12.49 7.26 8.47
N LEU B 68 12.71 7.00 7.18
CA LEU B 68 11.81 7.51 6.16
C LEU B 68 10.41 6.93 6.30
N VAL B 69 10.32 5.64 6.66
CA VAL B 69 9.02 4.98 6.83
C VAL B 69 8.30 5.59 8.03
N ILE B 70 9.03 5.76 9.14
CA ILE B 70 8.45 6.36 10.34
C ILE B 70 7.99 7.79 10.04
N ASP B 71 8.79 8.53 9.27
CA ASP B 71 8.43 9.89 8.87
C ASP B 71 7.11 9.92 8.10
N LYS B 72 6.90 8.95 7.22
CA LYS B 72 5.67 8.85 6.43
C LYS B 72 4.46 8.56 7.31
N ILE B 73 4.65 7.68 8.31
CA ILE B 73 3.59 7.40 9.27
C ILE B 73 3.20 8.67 10.02
N LYS B 74 4.19 9.46 10.42
CA LYS B 74 3.90 10.72 11.09
C LYS B 74 3.14 11.69 10.21
N GLU B 75 3.45 11.72 8.92
CA GLU B 75 2.74 12.60 7.98
C GLU B 75 1.26 12.21 7.89
N LYS B 76 0.99 10.92 7.89
CA LYS B 76 -0.37 10.42 7.85
C LYS B 76 -1.10 10.78 9.14
N ALA B 77 -0.37 10.68 10.26
CA ALA B 77 -0.94 11.06 11.56
C ALA B 77 -1.34 12.54 11.61
N ILE B 78 -0.45 13.41 11.10
CA ILE B 78 -0.72 14.85 11.05
C ILE B 78 -1.94 15.14 10.17
N ALA B 79 -2.00 14.52 9.00
CA ALA B 79 -3.15 14.68 8.12
C ALA B 79 -4.43 14.21 8.80
N TRP B 80 -4.37 13.05 9.44
CA TRP B 80 -5.54 12.52 10.15
C TRP B 80 -6.09 13.51 11.16
N ASP B 81 -5.20 14.05 11.99
CA ASP B 81 -5.64 14.90 13.08
C ASP B 81 -6.22 16.21 12.56
N GLU B 82 -5.73 16.71 11.43
CA GLU B 82 -6.32 17.93 10.86
C GLU B 82 -7.76 17.70 10.40
N MET B 83 -7.99 16.53 9.80
CA MET B 83 -9.30 16.18 9.26
CA MET B 83 -9.30 16.20 9.27
CA MET B 83 -9.30 16.20 9.27
C MET B 83 -10.26 15.72 10.35
N HIS B 84 -9.73 15.29 11.49
CA HIS B 84 -10.55 14.73 12.55
C HIS B 84 -10.31 15.31 13.93
N PRO B 85 -10.86 16.50 14.20
CA PRO B 85 -10.73 17.08 15.54
C PRO B 85 -11.28 16.11 16.57
N PRO B 86 -10.67 16.07 17.77
CA PRO B 86 -11.12 15.12 18.80
C PRO B 86 -12.61 15.29 19.04
N PRO B 87 -13.37 14.17 18.98
CA PRO B 87 -14.82 14.25 19.09
C PRO B 87 -15.20 14.95 20.38
N PRO B 88 -16.44 15.48 20.45
CA PRO B 88 -16.90 16.09 21.70
C PRO B 88 -16.66 15.12 22.85
N ALA B 89 -15.86 15.55 23.83
CA ALA B 89 -15.48 14.67 24.94
C ALA B 89 -16.65 13.86 25.49
N ALA B 91 -18.84 12.18 24.17
CA ALA B 91 -20.13 11.97 23.52
C ALA B 91 -20.38 10.49 23.25
N ALA B 92 -21.52 10.20 22.64
CA ALA B 92 -21.93 8.82 22.37
C ALA B 92 -20.97 8.12 21.41
N GLY B 93 -20.86 6.80 21.56
CA GLY B 93 -19.99 6.01 20.71
C GLY B 93 -20.70 5.64 19.41
N PRO B 94 -19.98 4.99 18.49
CA PRO B 94 -18.57 4.61 18.66
C PRO B 94 -17.69 5.83 18.48
N VAL B 95 -16.85 6.09 19.47
CA VAL B 95 -16.00 7.29 19.48
C VAL B 95 -14.83 7.14 18.51
N PRO B 96 -14.76 8.05 17.53
CA PRO B 96 -13.67 8.11 16.54
C PRO B 96 -12.37 8.52 17.23
N LEU B 97 -11.24 8.10 16.69
CA LEU B 97 -10.01 8.16 17.45
C LEU B 97 -9.01 9.20 16.97
N THR B 98 -8.10 9.59 17.85
CA THR B 98 -6.98 10.45 17.46
C THR B 98 -5.89 9.61 16.83
N SER B 99 -4.95 10.26 16.15
CA SER B 99 -3.86 9.51 15.54
C SER B 99 -3.00 8.82 16.60
N ASP B 100 -2.85 9.43 17.77
CA ASP B 100 -2.08 8.75 18.83
C ASP B 100 -2.75 7.41 19.18
N GLN B 101 -4.08 7.42 19.30
CA GLN B 101 -4.82 6.20 19.60
C GLN B 101 -4.68 5.15 18.49
N ILE B 102 -4.83 5.59 17.24
CA ILE B 102 -4.66 4.70 16.10
C ILE B 102 -3.27 4.06 16.08
N ARG B 103 -2.27 4.85 16.43
CA ARG B 103 -0.87 4.39 16.48
C ARG B 103 -0.53 3.56 17.74
N GLY B 104 -1.49 3.45 18.66
CA GLY B 104 -1.32 2.66 19.87
C GLY B 104 -0.45 3.30 20.95
N ILE B 105 -0.25 4.62 20.86
CA ILE B 105 0.59 5.33 21.82
C ILE B 105 -0.04 5.40 23.21
N GLY B 106 0.71 4.95 24.21
CA GLY B 106 0.22 4.91 25.57
C GLY B 106 -0.74 3.77 25.89
N LEU B 107 -0.95 2.86 24.94
CA LEU B 107 -1.84 1.74 25.18
C LEU B 107 -1.08 0.53 25.75
N SER B 108 -1.68 -0.14 26.73
CA SER B 108 -1.17 -1.42 27.17
C SER B 108 -1.53 -2.44 26.09
N PRO B 109 -0.84 -3.59 26.07
CA PRO B 109 -1.18 -4.57 25.04
C PRO B 109 -2.65 -5.02 25.12
N GLU B 110 -3.18 -5.18 26.33
CA GLU B 110 -4.58 -5.58 26.50
C GLU B 110 -5.53 -4.52 25.97
N GLU B 111 -5.28 -3.27 26.33
CA GLU B 111 -6.12 -2.17 25.87
C GLU B 111 -6.17 -2.12 24.35
N ALA B 112 -5.01 -2.27 23.72
CA ALA B 112 -4.90 -2.19 22.27
C ALA B 112 -5.62 -3.33 21.55
N ALA B 113 -5.90 -4.41 22.29
CA ALA B 113 -6.59 -5.56 21.75
C ALA B 113 -8.12 -5.46 21.91
N GLY B 114 -8.58 -4.40 22.55
CA GLY B 114 -10.00 -4.23 22.83
C GLY B 114 -10.83 -3.82 21.62
N PRO B 115 -12.15 -4.07 21.69
CA PRO B 115 -13.05 -3.72 20.58
C PRO B 115 -13.02 -2.24 20.19
N ARG B 116 -12.69 -1.38 21.15
N ARG B 116 -12.67 -1.39 21.15
CA ARG B 116 -12.63 0.06 20.90
CA ARG B 116 -12.63 0.07 20.93
C ARG B 116 -11.65 0.37 19.79
C ARG B 116 -11.57 0.43 19.88
N PHE B 117 -10.63 -0.47 19.67
CA PHE B 117 -9.54 -0.25 18.73
C PHE B 117 -9.52 -1.26 17.58
N ALA B 118 -10.59 -2.03 17.41
CA ALA B 118 -10.61 -3.04 16.36
C ALA B 118 -10.43 -2.45 14.97
N ASP B 119 -11.20 -1.41 14.66
CA ASP B 119 -11.03 -0.76 13.37
C ASP B 119 -9.69 -0.01 13.34
N ALA B 120 -9.32 0.59 14.46
CA ALA B 120 -8.11 1.39 14.53
C ALA B 120 -6.85 0.61 14.18
N ARG B 121 -6.72 -0.61 14.70
N ARG B 121 -6.75 -0.62 14.68
CA ARG B 121 -5.54 -1.41 14.40
CA ARG B 121 -5.59 -1.47 14.42
C ARG B 121 -5.49 -1.73 12.91
C ARG B 121 -5.51 -1.90 12.97
N THR B 122 -6.66 -1.92 12.30
CA THR B 122 -6.74 -2.20 10.87
CA THR B 122 -6.70 -2.22 10.87
C THR B 122 -6.27 -0.98 10.07
N LEU B 123 -6.71 0.19 10.50
CA LEU B 123 -6.29 1.42 9.84
C LEU B 123 -4.77 1.65 10.01
N TYR B 124 -4.24 1.43 11.22
CA TYR B 124 -2.81 1.60 11.44
C TYR B 124 -1.99 0.66 10.56
N ARG B 125 -2.46 -0.59 10.42
CA ARG B 125 -1.78 -1.55 9.57
C ARG B 125 -1.73 -0.99 8.14
N THR B 126 -2.83 -0.38 7.70
CA THR B 126 -2.87 0.27 6.39
C THR B 126 -1.86 1.41 6.28
N TRP B 127 -1.77 2.27 7.31
CA TRP B 127 -0.78 3.34 7.31
C TRP B 127 0.65 2.84 7.16
N VAL B 128 0.97 1.75 7.86
CA VAL B 128 2.31 1.18 7.80
C VAL B 128 2.58 0.58 6.42
N LEU B 129 1.64 -0.19 5.89
CA LEU B 129 1.78 -0.72 4.54
C LEU B 129 1.99 0.39 3.52
N GLU B 130 1.20 1.46 3.64
CA GLU B 130 1.34 2.62 2.76
C GLU B 130 2.71 3.27 2.91
N ALA B 131 3.16 3.44 4.15
CA ALA B 131 4.44 4.06 4.39
C ALA B 131 5.59 3.27 3.76
N LEU B 132 5.58 1.95 3.92
CA LEU B 132 6.59 1.10 3.30
C LEU B 132 6.59 1.27 1.78
N GLN B 133 5.40 1.25 1.18
CA GLN B 133 5.32 1.37 -0.28
C GLN B 133 5.83 2.72 -0.77
N GLU B 134 5.47 3.77 -0.04
CA GLU B 134 5.82 5.12 -0.44
C GLU B 134 7.33 5.38 -0.31
N CYS B 135 8.01 4.53 0.45
CA CYS B 135 9.45 4.66 0.65
C CYS B 135 10.25 3.72 -0.23
N GLN B 136 9.55 2.89 -1.00
CA GLN B 136 10.22 1.94 -1.87
C GLN B 136 10.96 2.65 -3.00
N ARG B 137 12.20 2.24 -3.24
CA ARG B 137 13.00 2.84 -4.30
C ARG B 137 13.47 1.83 -5.34
N THR B 138 13.91 0.66 -4.89
CA THR B 138 14.40 -0.38 -5.79
C THR B 138 13.51 -1.62 -5.76
#